data_7N6F
#
_entry.id   7N6F
#
_cell.length_a   57.943
_cell.length_b   63.585
_cell.length_c   123.633
_cell.angle_alpha   90.000
_cell.angle_beta   90.000
_cell.angle_gamma   90.000
#
_symmetry.space_group_name_H-M   'P 21 21 21'
#
loop_
_entity.id
_entity.type
_entity.pdbx_description
1 polymer 'Cholesterol 24-hydroxylase'
2 non-polymer 'PROTOPORPHYRIN IX CONTAINING FE'
3 non-polymer (3-fluoroazetidin-1-yl){1-[4-(4-fluorophenyl)pyrimidin-5-yl]piperidin-4-yl}methanone
4 non-polymer 1,2-ETHANEDIOL
5 non-polymer GLYCEROL
6 water water
#
_entity_poly.entity_id   1
_entity_poly.type   'polypeptide(L)'
_entity_poly.pdbx_seq_one_letter_code
;MHHHHHHSRYEHIPGPPRPSFLLGHLPCFWKKDEVGGRVLQDVFLDWAKKYGPVVRVNVFHKTSVIVTSPESVKKFLMST
KYNKDSKMYRALQTVFGERLFGQGLVSECNYERWHKQRRVIDLAFSRSSLVSLMETFNEKAEQLVEILEAKADGQTPVSM
QDMLTYTAMDILAKAAFGMETSMLLGAQKPLSQAVKLMLEGITASRNTLAKFLPGKRKQLREVRESIRFLRQVGRDWVQR
RREALKRGEEVPADILTQILKAEEGAQDDEGLLDNFVTFFIAGHETSANHLAFTVMELSRQPEIVARLQAEVDEVIGSKR
YLDFEDLGRLQYLSQVLKESLRLYPPAWGTFRLLEEETLIDGVRVPGNTPLLFSTYVMGRMDTYFEDPLTFNPDRFGPGA
PKPRFTYFPFSLGHRSCIGQQFAQMEVKVVMAKLLQRLEFRLVPGQRFGLQEQATLKPLDPVLCTLRPRGWQPA
;
_entity_poly.pdbx_strand_id   A
#
# COMPACT_ATOMS: atom_id res chain seq x y z
N HIS A 7 -39.15 -9.00 -5.63
CA HIS A 7 -38.53 -8.56 -4.31
C HIS A 7 -37.07 -9.04 -4.18
N SER A 8 -36.11 -8.22 -4.63
CA SER A 8 -34.65 -8.52 -4.67
C SER A 8 -34.09 -8.75 -3.25
N ARG A 9 -33.05 -9.58 -3.10
CA ARG A 9 -32.62 -10.09 -1.74
C ARG A 9 -32.01 -8.94 -0.93
N TYR A 10 -31.58 -7.86 -1.60
CA TYR A 10 -30.94 -6.70 -0.93
C TYR A 10 -31.81 -5.43 -0.99
N GLU A 11 -32.99 -5.46 -1.61
CA GLU A 11 -33.86 -4.27 -1.84
C GLU A 11 -34.17 -3.51 -0.54
N HIS A 12 -34.29 -4.23 0.58
CA HIS A 12 -34.69 -3.66 1.89
C HIS A 12 -33.55 -2.92 2.59
N ILE A 13 -32.33 -3.13 2.12
CA ILE A 13 -31.18 -2.48 2.80
C ILE A 13 -31.17 -1.02 2.40
N PRO A 14 -30.83 -0.10 3.33
CA PRO A 14 -30.75 1.30 2.97
C PRO A 14 -29.77 1.55 1.82
N GLY A 15 -30.08 2.53 0.98
CA GLY A 15 -29.17 2.85 -0.14
C GLY A 15 -29.81 3.77 -1.15
N PRO A 16 -29.06 4.13 -2.22
CA PRO A 16 -29.55 5.04 -3.26
C PRO A 16 -30.68 4.44 -4.10
N PRO A 17 -31.60 5.27 -4.66
CA PRO A 17 -32.65 4.77 -5.55
C PRO A 17 -32.14 4.43 -6.96
N GLY A 37 -10.83 13.84 -10.16
CA GLY A 37 -10.06 13.48 -8.94
C GLY A 37 -10.92 12.81 -7.88
N ARG A 38 -12.18 12.49 -8.22
CA ARG A 38 -13.08 11.69 -7.35
C ARG A 38 -13.00 10.22 -7.76
N VAL A 39 -13.17 9.37 -6.77
CA VAL A 39 -13.12 7.91 -6.93
C VAL A 39 -14.48 7.38 -6.42
N LEU A 40 -14.75 6.12 -6.71
CA LEU A 40 -15.97 5.46 -6.20
C LEU A 40 -16.06 5.56 -4.69
N GLN A 41 -14.92 5.48 -3.98
CA GLN A 41 -14.98 5.61 -2.51
C GLN A 41 -15.66 6.91 -2.05
N ASP A 42 -15.54 8.01 -2.82
CA ASP A 42 -16.21 9.29 -2.46
C ASP A 42 -17.73 9.19 -2.60
N VAL A 43 -18.17 8.44 -3.59
CA VAL A 43 -19.62 8.14 -3.76
C VAL A 43 -20.08 7.33 -2.54
N PHE A 44 -19.33 6.27 -2.17
CA PHE A 44 -19.65 5.48 -0.97
C PHE A 44 -19.69 6.34 0.29
N LEU A 45 -18.78 7.31 0.42
CA LEU A 45 -18.79 8.22 1.58
C LEU A 45 -20.12 8.97 1.62
N ASP A 46 -20.48 9.57 0.48
CA ASP A 46 -21.76 10.33 0.39
C ASP A 46 -22.90 9.41 0.86
N TRP A 47 -22.90 8.17 0.37
CA TRP A 47 -24.01 7.24 0.72
C TRP A 47 -23.97 6.80 2.21
N ALA A 48 -22.80 6.56 2.79
CA ALA A 48 -22.73 6.21 4.22
C ALA A 48 -23.28 7.39 5.02
N LYS A 49 -22.92 8.61 4.65
CA LYS A 49 -23.40 9.78 5.43
C LYS A 49 -24.92 9.92 5.32
N LYS A 50 -25.46 9.64 4.15
CA LYS A 50 -26.89 9.86 3.84
C LYS A 50 -27.69 8.69 4.38
N TYR A 51 -27.19 7.43 4.25
CA TYR A 51 -28.08 6.24 4.47
C TYR A 51 -27.68 5.41 5.68
N GLY A 52 -26.57 5.72 6.34
CA GLY A 52 -26.21 5.16 7.65
C GLY A 52 -25.16 4.08 7.57
N PRO A 53 -25.08 3.29 8.63
CA PRO A 53 -23.93 2.40 8.82
C PRO A 53 -23.92 1.12 7.97
N VAL A 54 -25.03 0.78 7.31
CA VAL A 54 -25.15 -0.45 6.48
C VAL A 54 -25.85 -0.04 5.20
N VAL A 55 -25.13 0.01 4.08
CA VAL A 55 -25.65 0.53 2.81
C VAL A 55 -25.36 -0.44 1.68
N ARG A 56 -26.32 -0.73 0.82
CA ARG A 56 -26.12 -1.59 -0.36
C ARG A 56 -25.44 -0.80 -1.48
N VAL A 57 -24.38 -1.37 -2.02
CA VAL A 57 -23.61 -0.78 -3.14
C VAL A 57 -23.32 -1.86 -4.17
N ASN A 58 -22.88 -1.42 -5.33
CA ASN A 58 -22.36 -2.32 -6.38
C ASN A 58 -20.87 -2.02 -6.51
N VAL A 59 -20.05 -3.04 -6.38
CA VAL A 59 -18.58 -2.84 -6.45
C VAL A 59 -17.99 -4.12 -7.04
N PHE A 60 -17.05 -3.96 -7.96
CA PHE A 60 -16.39 -5.11 -8.64
C PHE A 60 -17.49 -6.02 -9.23
N HIS A 61 -18.55 -5.38 -9.75
CA HIS A 61 -19.68 -6.06 -10.47
C HIS A 61 -20.51 -6.91 -9.51
N LYS A 62 -20.38 -6.75 -8.19
CA LYS A 62 -21.15 -7.60 -7.23
C LYS A 62 -21.93 -6.66 -6.28
N THR A 63 -23.10 -7.08 -5.82
CA THR A 63 -23.79 -6.38 -4.73
C THR A 63 -23.05 -6.65 -3.43
N SER A 64 -22.76 -5.58 -2.69
CA SER A 64 -22.12 -5.69 -1.37
CA SER A 64 -22.03 -5.58 -1.41
C SER A 64 -22.77 -4.72 -0.40
N VAL A 65 -22.41 -4.83 0.86
CA VAL A 65 -22.94 -3.93 1.86
C VAL A 65 -21.77 -3.24 2.53
N ILE A 66 -21.76 -1.92 2.45
CA ILE A 66 -20.70 -1.15 3.14
C ILE A 66 -21.13 -0.92 4.57
N VAL A 67 -20.27 -1.37 5.48
CA VAL A 67 -20.53 -1.33 6.94
CA VAL A 67 -20.48 -1.39 6.94
C VAL A 67 -19.51 -0.38 7.57
N THR A 68 -20.03 0.69 8.17
CA THR A 68 -19.18 1.80 8.65
C THR A 68 -19.32 2.05 10.13
N SER A 69 -19.88 1.17 10.93
CA SER A 69 -19.86 1.37 12.38
C SER A 69 -18.60 0.74 12.95
N PRO A 70 -17.97 1.40 13.95
CA PRO A 70 -16.82 0.82 14.62
C PRO A 70 -17.11 -0.54 15.25
N GLU A 71 -18.33 -0.71 15.75
CA GLU A 71 -18.72 -2.00 16.37
CA GLU A 71 -18.69 -2.01 16.38
C GLU A 71 -18.65 -3.11 15.31
N SER A 72 -19.02 -2.79 14.09
CA SER A 72 -18.98 -3.76 12.97
C SER A 72 -17.53 -4.04 12.56
N VAL A 73 -16.70 -2.99 12.43
CA VAL A 73 -15.27 -3.18 12.11
C VAL A 73 -14.68 -4.15 13.14
N LYS A 74 -14.90 -3.88 14.43
CA LYS A 74 -14.34 -4.73 15.50
C LYS A 74 -14.86 -6.17 15.35
N LYS A 75 -16.17 -6.32 15.20
CA LYS A 75 -16.75 -7.71 15.19
C LYS A 75 -16.17 -8.55 14.05
N PHE A 76 -16.12 -7.96 12.86
CA PHE A 76 -15.83 -8.80 11.69
C PHE A 76 -14.32 -8.85 11.41
N LEU A 77 -13.56 -7.79 11.66
CA LEU A 77 -12.11 -7.86 11.38
C LEU A 77 -11.34 -8.58 12.49
N MET A 78 -11.81 -8.52 13.74
CA MET A 78 -10.98 -9.06 14.86
C MET A 78 -11.33 -10.52 15.20
N SER A 79 -12.00 -11.24 14.31
CA SER A 79 -12.29 -12.68 14.56
C SER A 79 -11.88 -13.54 13.37
N THR A 80 -11.11 -14.64 13.57
CA THR A 80 -10.82 -15.63 12.50
C THR A 80 -12.06 -16.38 12.04
N LYS A 81 -13.20 -16.22 12.70
CA LYS A 81 -14.49 -16.73 12.19
C LYS A 81 -14.86 -16.15 10.82
N TYR A 82 -14.45 -14.91 10.53
CA TYR A 82 -14.82 -14.22 9.29
C TYR A 82 -13.60 -14.18 8.37
N ASN A 83 -13.84 -14.74 7.23
CA ASN A 83 -12.78 -14.86 6.20
C ASN A 83 -13.05 -13.87 5.08
N LYS A 84 -12.02 -13.60 4.28
CA LYS A 84 -12.12 -12.72 3.11
C LYS A 84 -13.06 -13.38 2.09
N ASP A 85 -13.82 -12.56 1.40
CA ASP A 85 -14.72 -13.01 0.32
C ASP A 85 -13.96 -13.15 -1.00
N SER A 86 -13.69 -14.38 -1.41
CA SER A 86 -12.86 -14.68 -2.60
CA SER A 86 -12.86 -14.68 -2.60
C SER A 86 -13.42 -14.02 -3.86
N LYS A 87 -14.73 -13.85 -3.97
CA LYS A 87 -15.27 -13.22 -5.18
C LYS A 87 -14.68 -11.82 -5.39
N MET A 88 -14.32 -11.14 -4.30
CA MET A 88 -13.91 -9.73 -4.37
C MET A 88 -12.39 -9.64 -4.60
N TYR A 89 -11.72 -10.78 -4.79
CA TYR A 89 -10.28 -10.87 -5.05
C TYR A 89 -10.00 -11.49 -6.42
N ARG A 90 -11.03 -11.72 -7.22
CA ARG A 90 -10.86 -12.39 -8.55
C ARG A 90 -9.91 -11.60 -9.44
N ALA A 91 -9.96 -10.27 -9.43
CA ALA A 91 -9.14 -9.43 -10.32
C ALA A 91 -7.71 -9.34 -9.80
N LEU A 92 -7.36 -9.80 -8.59
CA LEU A 92 -5.95 -10.03 -8.26
C LEU A 92 -5.54 -11.42 -8.64
N GLN A 93 -6.43 -12.40 -8.54
CA GLN A 93 -6.08 -13.81 -8.83
C GLN A 93 -5.69 -13.98 -10.31
N THR A 94 -6.52 -13.48 -11.19
CA THR A 94 -6.38 -13.68 -12.66
CA THR A 94 -6.40 -13.67 -12.66
C THR A 94 -6.95 -12.44 -13.37
N VAL A 95 -6.28 -11.95 -14.41
CA VAL A 95 -6.80 -10.83 -15.22
C VAL A 95 -6.86 -11.27 -16.69
N PHE A 96 -8.02 -11.09 -17.32
CA PHE A 96 -8.19 -11.40 -18.78
C PHE A 96 -7.60 -12.78 -19.08
N GLY A 97 -7.81 -13.77 -18.21
CA GLY A 97 -7.39 -15.15 -18.41
C GLY A 97 -5.92 -15.39 -18.13
N GLU A 98 -5.18 -14.41 -17.60
CA GLU A 98 -3.77 -14.61 -17.20
C GLU A 98 -3.62 -14.62 -15.66
N ARG A 99 -3.07 -15.68 -15.11
CA ARG A 99 -2.81 -15.81 -13.66
C ARG A 99 -1.89 -14.69 -13.23
N LEU A 100 -2.27 -13.98 -12.18
CA LEU A 100 -1.51 -12.78 -11.74
C LEU A 100 -0.99 -13.03 -10.33
N PHE A 101 -1.79 -12.78 -9.28
CA PHE A 101 -1.40 -13.12 -7.90
C PHE A 101 -1.87 -14.52 -7.52
N GLY A 102 -2.73 -15.13 -8.36
CA GLY A 102 -3.23 -16.49 -8.06
C GLY A 102 -3.68 -16.64 -6.63
N GLN A 103 -3.18 -17.66 -5.91
CA GLN A 103 -3.51 -17.96 -4.52
C GLN A 103 -2.36 -17.55 -3.58
N GLY A 104 -1.63 -16.47 -3.92
CA GLY A 104 -0.64 -15.88 -3.00
C GLY A 104 -1.28 -15.28 -1.75
N LEU A 105 -0.44 -14.65 -0.94
CA LEU A 105 -0.84 -14.36 0.46
C LEU A 105 -2.00 -13.36 0.53
N VAL A 106 -2.09 -12.38 -0.36
CA VAL A 106 -3.19 -11.39 -0.37
C VAL A 106 -4.49 -12.04 -0.82
N SER A 107 -4.42 -12.88 -1.86
CA SER A 107 -5.62 -13.28 -2.60
C SER A 107 -6.13 -14.66 -2.19
N GLU A 108 -5.39 -15.38 -1.36
CA GLU A 108 -5.86 -16.66 -0.81
C GLU A 108 -6.89 -16.37 0.27
N CYS A 109 -8.11 -16.87 0.11
CA CYS A 109 -9.20 -16.60 1.07
C CYS A 109 -9.61 -17.83 1.87
N ASN A 110 -9.05 -18.98 1.59
CA ASN A 110 -9.25 -20.14 2.49
C ASN A 110 -8.34 -20.00 3.72
N TYR A 111 -8.90 -20.09 4.92
CA TYR A 111 -8.16 -19.81 6.17
C TYR A 111 -6.95 -20.73 6.24
N GLU A 112 -7.12 -22.05 6.11
CA GLU A 112 -5.99 -22.98 6.40
C GLU A 112 -4.89 -22.79 5.37
N ARG A 113 -5.23 -22.56 4.11
CA ARG A 113 -4.19 -22.37 3.06
C ARG A 113 -3.45 -21.03 3.25
N TRP A 114 -4.18 -20.03 3.70
CA TRP A 114 -3.58 -18.71 4.02
C TRP A 114 -2.66 -18.86 5.23
N HIS A 115 -3.13 -19.55 6.28
CA HIS A 115 -2.43 -19.57 7.57
C HIS A 115 -1.07 -20.24 7.41
N LYS A 116 -1.02 -21.34 6.63
CA LYS A 116 0.22 -22.08 6.41
C LYS A 116 1.28 -21.16 5.78
N GLN A 117 0.90 -20.39 4.75
CA GLN A 117 1.91 -19.55 4.06
C GLN A 117 2.21 -18.31 4.91
N ARG A 118 1.24 -17.75 5.61
CA ARG A 118 1.46 -16.57 6.48
C ARG A 118 2.54 -16.88 7.51
N ARG A 119 2.43 -18.02 8.20
CA ARG A 119 3.37 -18.32 9.32
C ARG A 119 4.78 -18.57 8.81
N VAL A 120 4.96 -19.11 7.62
CA VAL A 120 6.33 -19.29 7.04
C VAL A 120 6.87 -17.92 6.64
N ILE A 121 6.05 -17.10 5.97
CA ILE A 121 6.58 -15.83 5.40
C ILE A 121 6.77 -14.83 6.52
N ASP A 122 6.02 -14.93 7.63
CA ASP A 122 6.21 -14.06 8.81
C ASP A 122 7.68 -13.99 9.26
N LEU A 123 8.45 -15.07 9.08
CA LEU A 123 9.84 -15.06 9.60
C LEU A 123 10.66 -13.99 8.89
N ALA A 124 10.33 -13.66 7.64
CA ALA A 124 11.05 -12.60 6.87
C ALA A 124 10.67 -11.21 7.39
N PHE A 125 9.65 -11.09 8.25
CA PHE A 125 9.17 -9.80 8.77
C PHE A 125 9.39 -9.68 10.27
N SER A 126 10.21 -10.57 10.84
CA SER A 126 10.56 -10.44 12.27
C SER A 126 11.29 -9.12 12.53
N ARG A 127 11.37 -8.69 13.78
CA ARG A 127 12.13 -7.48 14.13
C ARG A 127 13.57 -7.61 13.65
N SER A 128 14.24 -8.74 13.89
CA SER A 128 15.66 -8.88 13.49
C SER A 128 15.80 -8.81 11.98
N SER A 129 14.83 -9.39 11.26
CA SER A 129 14.90 -9.41 9.78
C SER A 129 14.78 -7.96 9.30
N LEU A 130 13.85 -7.21 9.88
CA LEU A 130 13.58 -5.83 9.38
C LEU A 130 14.74 -4.92 9.76
N VAL A 131 15.32 -5.05 10.95
CA VAL A 131 16.43 -4.15 11.33
C VAL A 131 17.56 -4.33 10.31
N SER A 132 17.78 -5.54 9.81
CA SER A 132 18.87 -5.82 8.85
CA SER A 132 18.83 -5.88 8.81
C SER A 132 18.62 -5.12 7.50
N LEU A 133 17.40 -4.66 7.20
CA LEU A 133 17.08 -3.96 5.93
C LEU A 133 17.39 -2.46 6.01
N MET A 134 17.74 -1.94 7.18
CA MET A 134 17.96 -0.50 7.34
C MET A 134 19.05 -0.04 6.36
N GLU A 135 20.09 -0.82 6.10
CA GLU A 135 21.16 -0.37 5.18
C GLU A 135 20.56 -0.15 3.79
N THR A 136 19.75 -1.09 3.32
CA THR A 136 19.11 -0.96 1.98
C THR A 136 18.17 0.27 1.94
N PHE A 137 17.40 0.46 2.97
CA PHE A 137 16.48 1.62 3.00
C PHE A 137 17.28 2.90 2.91
N ASN A 138 18.36 2.99 3.71
CA ASN A 138 19.24 4.17 3.70
C ASN A 138 19.91 4.35 2.35
N GLU A 139 20.44 3.30 1.76
CA GLU A 139 21.19 3.47 0.52
C GLU A 139 20.26 3.99 -0.60
N LYS A 140 19.07 3.42 -0.74
CA LYS A 140 18.17 3.86 -1.83
C LYS A 140 17.61 5.23 -1.56
N ALA A 141 17.33 5.54 -0.30
CA ALA A 141 16.88 6.91 0.07
C ALA A 141 17.98 7.93 -0.24
N GLU A 142 19.25 7.60 0.07
CA GLU A 142 20.37 8.51 -0.20
C GLU A 142 20.51 8.68 -1.71
N GLN A 143 20.41 7.61 -2.49
CA GLN A 143 20.52 7.72 -3.93
C GLN A 143 19.45 8.66 -4.49
N LEU A 144 18.21 8.49 -4.06
CA LEU A 144 17.09 9.38 -4.49
C LEU A 144 17.45 10.82 -4.16
N VAL A 145 17.83 11.13 -2.92
CA VAL A 145 18.15 12.51 -2.48
CA VAL A 145 18.04 12.55 -2.56
C VAL A 145 19.22 13.10 -3.38
N GLU A 146 20.24 12.34 -3.68
CA GLU A 146 21.37 12.87 -4.49
CA GLU A 146 21.36 12.90 -4.48
C GLU A 146 20.87 13.21 -5.88
N ILE A 147 20.05 12.35 -6.48
CA ILE A 147 19.47 12.60 -7.81
C ILE A 147 18.61 13.85 -7.76
N LEU A 148 17.81 14.01 -6.70
CA LEU A 148 16.93 15.19 -6.59
C LEU A 148 17.74 16.47 -6.33
N GLU A 149 18.78 16.42 -5.51
CA GLU A 149 19.60 17.58 -5.15
C GLU A 149 20.19 18.15 -6.43
N ALA A 150 20.57 17.33 -7.42
CA ALA A 150 21.15 17.83 -8.67
C ALA A 150 20.15 18.57 -9.54
N LYS A 151 18.86 18.38 -9.29
CA LYS A 151 17.75 19.04 -10.02
C LYS A 151 17.19 20.21 -9.24
N ALA A 152 17.75 20.55 -8.09
CA ALA A 152 17.12 21.46 -7.10
C ALA A 152 17.45 22.93 -7.41
N ASP A 153 17.01 23.36 -8.58
CA ASP A 153 17.27 24.68 -9.18
C ASP A 153 16.02 25.58 -9.07
N GLY A 154 14.96 25.19 -8.36
CA GLY A 154 13.73 25.97 -8.25
C GLY A 154 12.98 26.10 -9.53
N GLN A 155 13.26 25.35 -10.57
CA GLN A 155 12.68 25.59 -11.92
C GLN A 155 12.37 24.31 -12.64
N THR A 156 13.25 23.30 -12.56
CA THR A 156 13.07 22.01 -13.25
C THR A 156 11.93 21.21 -12.61
N PRO A 157 10.86 20.88 -13.34
CA PRO A 157 9.78 20.09 -12.76
C PRO A 157 10.24 18.64 -12.64
N VAL A 158 9.93 18.08 -11.48
CA VAL A 158 10.29 16.68 -11.16
C VAL A 158 9.01 15.95 -10.75
N SER A 159 8.68 14.85 -11.38
CA SER A 159 7.55 14.00 -10.94
C SER A 159 7.95 13.28 -9.65
N MET A 160 7.43 13.71 -8.50
CA MET A 160 7.75 13.03 -7.24
C MET A 160 7.01 11.69 -7.22
N GLN A 161 5.88 11.55 -7.91
CA GLN A 161 5.19 10.24 -7.98
C GLN A 161 6.10 9.26 -8.70
N ASP A 162 6.69 9.62 -9.80
CA ASP A 162 7.58 8.70 -10.54
C ASP A 162 8.83 8.41 -9.69
N MET A 163 9.47 9.44 -9.14
CA MET A 163 10.74 9.22 -8.44
C MET A 163 10.53 8.37 -7.20
N LEU A 164 9.44 8.58 -6.48
CA LEU A 164 9.14 7.79 -5.27
C LEU A 164 8.80 6.36 -5.67
N THR A 165 8.14 6.11 -6.77
CA THR A 165 7.85 4.74 -7.25
C THR A 165 9.16 4.04 -7.61
N TYR A 166 10.07 4.70 -8.33
CA TYR A 166 11.36 4.10 -8.70
C TYR A 166 12.09 3.73 -7.43
N THR A 167 12.07 4.60 -6.41
CA THR A 167 12.77 4.36 -5.13
C THR A 167 12.16 3.16 -4.42
N ALA A 168 10.85 3.11 -4.31
CA ALA A 168 10.16 1.97 -3.66
C ALA A 168 10.44 0.65 -4.40
N MET A 169 10.47 0.67 -5.70
CA MET A 169 10.77 -0.54 -6.48
CA MET A 169 10.77 -0.56 -6.46
C MET A 169 12.21 -0.98 -6.19
N ASP A 170 13.15 -0.07 -6.24
CA ASP A 170 14.56 -0.46 -6.06
C ASP A 170 14.75 -0.95 -4.63
N ILE A 171 14.12 -0.35 -3.66
CA ILE A 171 14.19 -0.89 -2.28
C ILE A 171 13.62 -2.31 -2.28
N LEU A 172 12.41 -2.49 -2.78
CA LEU A 172 11.75 -3.83 -2.62
C LEU A 172 12.58 -4.88 -3.34
N ALA A 173 13.02 -4.62 -4.54
CA ALA A 173 13.73 -5.64 -5.34
C ALA A 173 14.98 -6.08 -4.55
N LYS A 174 15.71 -5.15 -3.93
CA LYS A 174 16.98 -5.51 -3.23
C LYS A 174 16.61 -6.17 -1.91
N ALA A 175 15.74 -5.58 -1.11
CA ALA A 175 15.40 -6.08 0.23
C ALA A 175 14.74 -7.46 0.16
N ALA A 176 13.77 -7.65 -0.75
CA ALA A 176 12.95 -8.87 -0.78
C ALA A 176 13.67 -9.98 -1.57
N PHE A 177 14.35 -9.63 -2.67
CA PHE A 177 14.78 -10.62 -3.69
C PHE A 177 16.31 -10.61 -3.89
N GLY A 178 17.03 -9.67 -3.31
CA GLY A 178 18.49 -9.53 -3.57
C GLY A 178 18.78 -9.11 -4.98
N MET A 179 17.88 -8.40 -5.63
CA MET A 179 18.10 -7.96 -7.04
CA MET A 179 17.86 -7.94 -7.06
C MET A 179 18.20 -6.44 -7.10
N GLU A 180 19.04 -5.97 -8.02
CA GLU A 180 19.27 -4.52 -8.27
C GLU A 180 18.47 -4.10 -9.50
N THR A 181 17.28 -3.50 -9.36
CA THR A 181 16.47 -3.07 -10.51
C THR A 181 17.04 -1.78 -11.14
N SER A 182 17.61 -0.90 -10.33
CA SER A 182 18.20 0.38 -10.78
C SER A 182 17.20 1.22 -11.58
N MET A 183 15.93 1.26 -11.17
CA MET A 183 15.00 2.20 -11.78
C MET A 183 15.46 3.64 -11.49
N LEU A 184 16.10 3.92 -10.37
CA LEU A 184 16.59 5.30 -10.14
C LEU A 184 17.65 5.72 -11.16
N LEU A 185 18.27 4.78 -11.85
CA LEU A 185 19.31 5.02 -12.89
C LEU A 185 18.66 5.00 -14.27
N GLY A 186 17.35 4.86 -14.35
CA GLY A 186 16.60 4.83 -15.63
C GLY A 186 16.59 3.44 -16.27
N ALA A 187 16.99 2.41 -15.55
CA ALA A 187 16.98 1.02 -16.06
C ALA A 187 15.60 0.36 -15.89
N GLN A 188 15.43 -0.81 -16.50
CA GLN A 188 14.25 -1.70 -16.37
C GLN A 188 12.99 -0.97 -16.85
N LYS A 189 13.06 -0.22 -17.96
CA LYS A 189 11.86 0.44 -18.52
C LYS A 189 10.80 -0.58 -18.94
N PRO A 190 11.12 -1.74 -19.55
CA PRO A 190 10.09 -2.71 -19.92
C PRO A 190 9.33 -3.17 -18.65
N LEU A 191 10.07 -3.43 -17.57
CA LEU A 191 9.46 -3.86 -16.28
C LEU A 191 8.56 -2.74 -15.75
N SER A 192 9.01 -1.50 -15.77
CA SER A 192 8.19 -0.36 -15.32
C SER A 192 6.87 -0.27 -16.12
N GLN A 193 6.92 -0.45 -17.44
CA GLN A 193 5.73 -0.44 -18.32
C GLN A 193 4.81 -1.63 -18.00
N ALA A 194 5.40 -2.80 -17.77
CA ALA A 194 4.60 -4.01 -17.45
C ALA A 194 3.81 -3.78 -16.16
N VAL A 195 4.44 -3.17 -15.16
CA VAL A 195 3.71 -2.97 -13.89
C VAL A 195 2.57 -2.02 -14.17
N LYS A 196 2.84 -0.91 -14.87
CA LYS A 196 1.81 0.08 -15.19
C LYS A 196 0.62 -0.58 -15.90
N LEU A 197 0.88 -1.39 -16.93
CA LEU A 197 -0.21 -1.99 -17.70
C LEU A 197 -0.97 -3.04 -16.88
N MET A 198 -0.26 -3.76 -16.02
CA MET A 198 -0.95 -4.73 -15.17
CA MET A 198 -0.89 -4.74 -15.11
C MET A 198 -1.89 -3.99 -14.21
N LEU A 199 -1.44 -2.88 -13.63
CA LEU A 199 -2.33 -2.13 -12.70
C LEU A 199 -3.55 -1.59 -13.45
N GLU A 200 -3.37 -1.15 -14.69
CA GLU A 200 -4.51 -0.75 -15.56
C GLU A 200 -5.46 -1.92 -15.84
N GLY A 201 -4.92 -3.13 -15.95
CA GLY A 201 -5.71 -4.36 -16.19
C GLY A 201 -6.58 -4.73 -15.00
N ILE A 202 -6.02 -4.60 -13.79
CA ILE A 202 -6.84 -4.86 -12.58
C ILE A 202 -8.03 -3.90 -12.57
N THR A 203 -7.74 -2.64 -12.78
CA THR A 203 -8.73 -1.52 -12.77
C THR A 203 -9.80 -1.79 -13.83
N ALA A 204 -9.38 -2.10 -15.04
CA ALA A 204 -10.37 -2.37 -16.12
C ALA A 204 -11.22 -3.60 -15.79
N SER A 205 -10.66 -4.67 -15.20
CA SER A 205 -11.38 -5.91 -14.84
C SER A 205 -12.49 -5.64 -13.82
N ARG A 206 -12.28 -4.78 -12.83
N ARG A 206 -12.17 -4.71 -12.91
CA ARG A 206 -13.36 -4.47 -11.84
CA ARG A 206 -12.91 -4.26 -11.69
C ARG A 206 -14.18 -3.25 -12.26
C ARG A 206 -13.91 -3.14 -12.03
N ASN A 207 -13.62 -2.38 -13.11
CA ASN A 207 -14.21 -1.07 -13.52
C ASN A 207 -14.22 -0.13 -12.32
N LYS A 216 -9.82 -2.21 -27.35
CA LYS A 216 -10.07 -3.49 -26.62
C LYS A 216 -8.99 -4.50 -26.98
N ARG A 217 -8.80 -4.79 -28.28
CA ARG A 217 -7.81 -5.80 -28.73
C ARG A 217 -6.41 -5.42 -28.23
N LYS A 218 -6.02 -4.16 -28.38
CA LYS A 218 -4.65 -3.70 -28.04
C LYS A 218 -4.47 -3.73 -26.51
N GLN A 219 -5.53 -3.34 -25.78
CA GLN A 219 -5.53 -3.29 -24.29
C GLN A 219 -5.37 -4.73 -23.80
N LEU A 220 -6.17 -5.66 -24.31
CA LEU A 220 -6.12 -7.06 -23.86
C LEU A 220 -4.70 -7.55 -24.10
N ARG A 221 -4.15 -7.28 -25.29
CA ARG A 221 -2.82 -7.82 -25.66
CA ARG A 221 -2.80 -7.74 -25.73
C ARG A 221 -1.75 -7.25 -24.72
N GLU A 222 -1.76 -5.95 -24.48
CA GLU A 222 -0.74 -5.26 -23.66
C GLU A 222 -0.89 -5.70 -22.19
N VAL A 223 -2.11 -5.86 -21.69
CA VAL A 223 -2.27 -6.29 -20.27
C VAL A 223 -1.83 -7.75 -20.10
N ARG A 224 -2.27 -8.64 -20.97
CA ARG A 224 -1.93 -10.07 -20.85
C ARG A 224 -0.42 -10.24 -20.97
N GLU A 225 0.23 -9.55 -21.93
CA GLU A 225 1.69 -9.76 -22.10
C GLU A 225 2.42 -9.22 -20.85
N SER A 226 1.93 -8.12 -20.29
CA SER A 226 2.55 -7.52 -19.07
C SER A 226 2.47 -8.48 -17.88
N ILE A 227 1.36 -9.15 -17.67
CA ILE A 227 1.21 -10.15 -16.59
C ILE A 227 2.18 -11.30 -16.85
N ARG A 228 2.23 -11.82 -18.09
CA ARG A 228 3.17 -12.92 -18.34
C ARG A 228 4.63 -12.48 -18.12
N PHE A 229 4.97 -11.26 -18.47
CA PHE A 229 6.32 -10.68 -18.24
C PHE A 229 6.63 -10.71 -16.74
N LEU A 230 5.70 -10.30 -15.89
CA LEU A 230 6.00 -10.25 -14.46
C LEU A 230 6.20 -11.66 -13.92
N ARG A 231 5.41 -12.64 -14.35
CA ARG A 231 5.63 -14.02 -13.92
C ARG A 231 6.98 -14.58 -14.45
N GLN A 232 7.39 -14.19 -15.66
CA GLN A 232 8.68 -14.62 -16.25
C GLN A 232 9.85 -13.97 -15.49
N VAL A 233 9.70 -12.73 -15.02
CA VAL A 233 10.72 -12.12 -14.14
C VAL A 233 10.82 -13.03 -12.91
N GLY A 234 9.71 -13.51 -12.32
CA GLY A 234 9.82 -14.41 -11.17
C GLY A 234 10.53 -15.70 -11.53
N ARG A 235 10.19 -16.30 -12.65
CA ARG A 235 10.88 -17.54 -13.11
CA ARG A 235 10.88 -17.55 -13.03
C ARG A 235 12.39 -17.29 -13.19
N ASP A 236 12.76 -16.17 -13.77
CA ASP A 236 14.17 -15.84 -14.07
C ASP A 236 14.88 -15.69 -12.71
N TRP A 237 14.25 -14.95 -11.80
CA TRP A 237 14.87 -14.57 -10.49
CA TRP A 237 14.90 -14.62 -10.53
C TRP A 237 14.94 -15.83 -9.60
N VAL A 238 13.90 -16.67 -9.63
CA VAL A 238 13.89 -17.93 -8.85
C VAL A 238 15.00 -18.83 -9.38
N GLN A 239 15.16 -18.92 -10.71
CA GLN A 239 16.24 -19.74 -11.32
C GLN A 239 17.60 -19.21 -10.85
N ARG A 240 17.79 -17.89 -10.81
CA ARG A 240 19.06 -17.25 -10.33
C ARG A 240 19.33 -17.61 -8.86
N ARG A 241 18.35 -17.50 -7.97
CA ARG A 241 18.45 -17.88 -6.55
C ARG A 241 18.84 -19.36 -6.43
N ARG A 242 18.20 -20.23 -7.22
CA ARG A 242 18.42 -21.68 -7.09
C ARG A 242 19.83 -22.00 -7.56
N GLU A 243 20.29 -21.36 -8.63
CA GLU A 243 21.68 -21.55 -9.17
C GLU A 243 22.68 -21.04 -8.12
N ALA A 244 22.45 -19.86 -7.53
CA ALA A 244 23.31 -19.31 -6.45
C ALA A 244 23.44 -20.32 -5.28
N LEU A 245 22.34 -20.89 -4.80
CA LEU A 245 22.35 -21.86 -3.68
C LEU A 245 23.17 -23.10 -4.07
N LYS A 246 23.02 -23.59 -5.30
CA LYS A 246 23.73 -24.81 -5.81
C LYS A 246 25.24 -24.56 -5.90
N ARG A 247 25.64 -23.44 -6.49
CA ARG A 247 27.06 -23.04 -6.70
C ARG A 247 27.71 -22.67 -5.35
N GLY A 248 26.95 -22.64 -4.26
CA GLY A 248 27.43 -22.24 -2.93
C GLY A 248 27.86 -20.79 -2.89
N GLU A 249 27.19 -19.91 -3.63
CA GLU A 249 27.38 -18.46 -3.52
C GLU A 249 26.65 -17.94 -2.28
N GLU A 250 26.83 -16.65 -2.01
CA GLU A 250 26.22 -15.91 -0.88
C GLU A 250 24.72 -15.76 -1.12
N VAL A 251 23.87 -16.14 -0.16
CA VAL A 251 22.43 -15.73 -0.20
C VAL A 251 21.98 -15.30 1.19
N PRO A 252 21.75 -13.98 1.42
CA PRO A 252 21.06 -13.50 2.62
C PRO A 252 19.60 -13.98 2.69
N ALA A 253 19.17 -14.35 3.89
CA ALA A 253 17.80 -14.69 4.27
C ALA A 253 16.93 -13.47 3.94
N ASP A 254 16.00 -13.66 3.02
CA ASP A 254 15.11 -12.54 2.64
C ASP A 254 13.68 -13.07 2.47
N ILE A 255 12.75 -12.23 2.02
CA ILE A 255 11.37 -12.65 1.73
C ILE A 255 11.37 -13.81 0.74
N LEU A 256 12.24 -13.76 -0.27
CA LEU A 256 12.24 -14.83 -1.29
C LEU A 256 12.64 -16.16 -0.66
N THR A 257 13.55 -16.17 0.30
CA THR A 257 13.92 -17.43 1.03
C THR A 257 12.63 -18.04 1.57
N GLN A 258 11.76 -17.23 2.17
CA GLN A 258 10.58 -17.77 2.88
C GLN A 258 9.49 -18.13 1.88
N ILE A 259 9.33 -17.40 0.77
CA ILE A 259 8.42 -17.76 -0.33
C ILE A 259 8.81 -19.14 -0.85
N LEU A 260 10.11 -19.38 -1.01
CA LEU A 260 10.61 -20.71 -1.46
C LEU A 260 10.27 -21.73 -0.39
N LYS A 261 10.54 -21.43 0.88
CA LYS A 261 10.32 -22.40 1.99
C LYS A 261 8.86 -22.83 2.02
N ALA A 262 7.93 -21.91 1.75
CA ALA A 262 6.50 -22.21 1.86
C ALA A 262 6.13 -23.20 0.76
N GLU A 263 6.88 -23.26 -0.33
CA GLU A 263 6.57 -24.14 -1.49
C GLU A 263 7.38 -25.44 -1.43
N GLU A 264 8.15 -25.68 -0.38
CA GLU A 264 9.02 -26.89 -0.32
C GLU A 264 8.15 -28.13 -0.60
N GLY A 265 8.47 -28.85 -1.68
CA GLY A 265 7.78 -30.10 -2.04
C GLY A 265 6.48 -29.91 -2.78
N ALA A 266 6.15 -28.68 -3.24
CA ALA A 266 4.94 -28.39 -4.06
C ALA A 266 5.04 -29.19 -5.37
N GLN A 267 3.92 -29.35 -6.09
CA GLN A 267 3.86 -30.11 -7.36
C GLN A 267 4.51 -29.30 -8.50
N ASP A 268 4.39 -27.97 -8.50
CA ASP A 268 4.89 -27.11 -9.60
C ASP A 268 5.32 -25.78 -8.97
N ASP A 269 5.72 -24.81 -9.78
CA ASP A 269 6.24 -23.52 -9.23
C ASP A 269 5.11 -22.50 -9.24
N GLU A 270 3.84 -22.87 -9.44
CA GLU A 270 2.82 -21.82 -9.71
C GLU A 270 2.52 -21.07 -8.41
N GLY A 271 2.55 -21.73 -7.26
CA GLY A 271 2.36 -21.11 -5.91
C GLY A 271 3.51 -20.15 -5.60
N LEU A 272 4.72 -20.61 -5.88
CA LEU A 272 5.94 -19.81 -5.78
C LEU A 272 5.74 -18.55 -6.61
N LEU A 273 5.36 -18.63 -7.87
CA LEU A 273 5.30 -17.45 -8.76
C LEU A 273 4.15 -16.56 -8.30
N ASP A 274 3.05 -17.10 -7.81
CA ASP A 274 1.93 -16.28 -7.27
C ASP A 274 2.51 -15.41 -6.16
N ASN A 275 3.30 -15.95 -5.25
CA ASN A 275 3.85 -15.16 -4.11
C ASN A 275 4.96 -14.25 -4.63
N PHE A 276 5.76 -14.68 -5.61
CA PHE A 276 6.78 -13.78 -6.16
C PHE A 276 6.10 -12.51 -6.66
N VAL A 277 5.07 -12.64 -7.48
CA VAL A 277 4.43 -11.49 -8.13
C VAL A 277 3.70 -10.70 -7.04
N THR A 278 3.02 -11.36 -6.13
CA THR A 278 2.32 -10.70 -5.00
C THR A 278 3.30 -9.78 -4.28
N PHE A 279 4.44 -10.26 -3.86
CA PHE A 279 5.37 -9.45 -3.06
C PHE A 279 6.07 -8.43 -3.95
N PHE A 280 6.38 -8.77 -5.19
CA PHE A 280 7.07 -7.82 -6.10
C PHE A 280 6.22 -6.57 -6.29
N ILE A 281 4.91 -6.73 -6.40
CA ILE A 281 3.97 -5.60 -6.62
C ILE A 281 3.57 -5.01 -5.27
N ALA A 282 3.05 -5.81 -4.36
CA ALA A 282 2.53 -5.27 -3.07
C ALA A 282 3.65 -4.60 -2.28
N GLY A 283 4.87 -5.09 -2.35
CA GLY A 283 5.99 -4.59 -1.57
C GLY A 283 6.50 -3.26 -2.05
N HIS A 284 6.00 -2.73 -3.17
CA HIS A 284 6.44 -1.37 -3.56
C HIS A 284 5.26 -0.46 -3.83
N GLU A 285 4.13 -0.94 -4.35
CA GLU A 285 3.16 0.04 -4.94
C GLU A 285 2.50 0.88 -3.86
N THR A 286 1.96 0.29 -2.82
CA THR A 286 1.31 1.05 -1.74
C THR A 286 2.30 1.96 -1.06
N SER A 287 3.53 1.52 -0.85
CA SER A 287 4.57 2.37 -0.21
C SER A 287 4.76 3.61 -1.10
N ALA A 288 4.92 3.40 -2.42
CA ALA A 288 5.08 4.54 -3.33
C ALA A 288 3.85 5.46 -3.24
N ASN A 289 2.65 4.91 -3.25
CA ASN A 289 1.41 5.71 -3.19
C ASN A 289 1.43 6.57 -1.93
N HIS A 290 1.78 5.94 -0.81
CA HIS A 290 1.80 6.64 0.49
C HIS A 290 2.84 7.75 0.53
N LEU A 291 4.01 7.50 -0.01
CA LEU A 291 5.03 8.56 -0.16
C LEU A 291 4.48 9.69 -1.03
N ALA A 292 3.92 9.36 -2.19
CA ALA A 292 3.49 10.42 -3.11
C ALA A 292 2.37 11.25 -2.50
N PHE A 293 1.43 10.62 -1.81
CA PHE A 293 0.35 11.36 -1.16
C PHE A 293 0.93 12.28 -0.09
N THR A 294 1.91 11.80 0.64
CA THR A 294 2.48 12.59 1.75
C THR A 294 3.20 13.82 1.18
N VAL A 295 4.05 13.62 0.20
CA VAL A 295 4.76 14.77 -0.42
C VAL A 295 3.73 15.73 -0.98
N MET A 296 2.72 15.25 -1.70
CA MET A 296 1.66 16.08 -2.28
C MET A 296 1.01 16.93 -1.16
N GLU A 297 0.55 16.33 -0.07
CA GLU A 297 -0.19 17.07 0.96
C GLU A 297 0.79 18.03 1.62
N LEU A 298 2.01 17.58 1.94
CA LEU A 298 2.93 18.48 2.65
C LEU A 298 3.28 19.69 1.82
N SER A 299 3.14 19.65 0.50
CA SER A 299 3.48 20.85 -0.33
C SER A 299 2.53 22.02 0.02
N ARG A 300 1.37 21.81 0.64
CA ARG A 300 0.48 22.94 1.02
C ARG A 300 0.44 23.06 2.55
N GLN A 301 1.41 22.48 3.25
CA GLN A 301 1.45 22.52 4.72
C GLN A 301 2.80 23.04 5.19
N PRO A 302 3.14 24.32 4.88
CA PRO A 302 4.47 24.84 5.18
C PRO A 302 4.86 24.86 6.67
N GLU A 303 3.92 25.09 7.57
CA GLU A 303 4.23 25.09 9.00
C GLU A 303 4.55 23.66 9.45
N ILE A 304 3.74 22.69 9.02
CA ILE A 304 4.04 21.28 9.38
C ILE A 304 5.40 20.87 8.81
N VAL A 305 5.70 21.26 7.58
CA VAL A 305 7.03 20.94 6.99
C VAL A 305 8.16 21.58 7.79
N ALA A 306 7.98 22.84 8.19
CA ALA A 306 9.03 23.47 9.04
C ALA A 306 9.24 22.71 10.35
N ARG A 307 8.15 22.18 10.92
CA ARG A 307 8.27 21.34 12.13
C ARG A 307 8.98 20.02 11.88
N LEU A 308 8.69 19.39 10.73
CA LEU A 308 9.34 18.11 10.39
C LEU A 308 10.84 18.32 10.08
N GLN A 309 11.17 19.42 9.40
CA GLN A 309 12.59 19.78 9.09
C GLN A 309 13.33 19.99 10.40
N ALA A 310 12.65 20.66 11.34
CA ALA A 310 13.26 20.95 12.63
C ALA A 310 13.48 19.64 13.36
N GLU A 311 12.53 18.70 13.32
CA GLU A 311 12.65 17.44 14.03
C GLU A 311 13.82 16.63 13.44
N VAL A 312 13.89 16.45 12.12
CA VAL A 312 15.00 15.68 11.51
CA VAL A 312 15.01 15.64 11.56
C VAL A 312 16.33 16.35 11.89
N ASP A 313 16.39 17.68 11.83
CA ASP A 313 17.63 18.44 12.16
C ASP A 313 18.04 18.08 13.58
N GLU A 314 17.08 17.99 14.51
CA GLU A 314 17.40 17.78 15.94
C GLU A 314 17.69 16.31 16.22
N VAL A 315 17.10 15.38 15.47
CA VAL A 315 17.21 13.95 15.80
C VAL A 315 18.44 13.36 15.08
N ILE A 316 18.60 13.65 13.79
CA ILE A 316 19.70 12.99 13.03
C ILE A 316 20.80 13.98 12.70
N GLY A 317 20.52 15.28 12.63
CA GLY A 317 21.56 16.30 12.38
C GLY A 317 22.21 16.09 11.04
N SER A 318 23.54 15.99 11.05
CA SER A 318 24.42 15.87 9.86
C SER A 318 24.56 14.40 9.43
N LYS A 319 24.09 13.42 10.22
CA LYS A 319 24.26 11.98 9.89
C LYS A 319 23.63 11.71 8.51
N ARG A 320 24.31 10.94 7.68
CA ARG A 320 23.85 10.54 6.32
C ARG A 320 23.02 9.26 6.44
N TYR A 321 23.04 8.60 7.60
CA TYR A 321 22.46 7.25 7.82
C TYR A 321 21.55 7.32 9.03
N LEU A 322 20.30 6.93 8.87
CA LEU A 322 19.34 6.82 9.98
C LEU A 322 19.42 5.43 10.54
N ASP A 323 19.74 5.33 11.82
CA ASP A 323 19.80 4.08 12.60
CA ASP A 323 19.76 3.97 12.41
C ASP A 323 18.37 3.65 12.94
N PHE A 324 18.16 2.40 13.26
CA PHE A 324 16.85 1.92 13.69
C PHE A 324 16.35 2.74 14.88
N GLU A 325 17.24 3.03 15.84
CA GLU A 325 16.86 3.72 17.10
CA GLU A 325 16.88 3.72 17.09
C GLU A 325 16.41 5.14 16.76
N ASP A 326 16.97 5.74 15.72
CA ASP A 326 16.50 7.08 15.26
C ASP A 326 15.04 7.04 14.80
N LEU A 327 14.56 5.97 14.16
CA LEU A 327 13.18 5.97 13.59
C LEU A 327 12.18 6.27 14.69
N GLY A 328 12.31 5.60 15.84
CA GLY A 328 11.35 5.75 16.94
C GLY A 328 11.39 7.16 17.51
N ARG A 329 12.47 7.89 17.32
CA ARG A 329 12.58 9.26 17.84
C ARG A 329 11.91 10.27 16.89
N LEU A 330 11.61 9.90 15.63
CA LEU A 330 10.95 10.84 14.71
C LEU A 330 9.44 10.80 14.95
N GLN A 331 9.02 11.22 16.13
CA GLN A 331 7.62 11.06 16.58
C GLN A 331 6.67 11.95 15.79
N TYR A 332 6.99 13.21 15.52
CA TYR A 332 6.11 14.06 14.71
C TYR A 332 5.97 13.48 13.29
N LEU A 333 7.08 13.02 12.71
CA LEU A 333 6.98 12.39 11.37
C LEU A 333 6.05 11.20 11.46
N SER A 334 6.13 10.39 12.48
CA SER A 334 5.24 9.20 12.60
CA SER A 334 5.23 9.21 12.62
C SER A 334 3.78 9.69 12.57
N GLN A 335 3.45 10.78 13.28
CA GLN A 335 2.08 11.31 13.32
C GLN A 335 1.64 11.83 11.95
N VAL A 336 2.50 12.58 11.26
CA VAL A 336 2.22 13.08 9.91
C VAL A 336 1.89 11.90 9.00
N LEU A 337 2.67 10.84 9.08
CA LEU A 337 2.42 9.71 8.16
C LEU A 337 1.14 9.01 8.55
N LYS A 338 0.79 8.90 9.83
CA LYS A 338 -0.52 8.34 10.20
C LYS A 338 -1.66 9.21 9.64
N GLU A 339 -1.53 10.52 9.74
CA GLU A 339 -2.58 11.43 9.24
C GLU A 339 -2.66 11.33 7.73
N SER A 340 -1.55 11.23 7.03
CA SER A 340 -1.55 11.01 5.58
C SER A 340 -2.37 9.76 5.26
N LEU A 341 -2.20 8.68 5.99
CA LEU A 341 -2.96 7.42 5.74
C LEU A 341 -4.44 7.56 6.10
N ARG A 342 -4.82 8.43 7.05
CA ARG A 342 -6.23 8.62 7.38
C ARG A 342 -6.94 9.20 6.16
N LEU A 343 -6.39 10.25 5.56
CA LEU A 343 -7.02 10.94 4.42
C LEU A 343 -6.76 10.22 3.10
N TYR A 344 -5.60 9.58 2.98
CA TYR A 344 -5.13 9.03 1.70
C TYR A 344 -4.62 7.61 1.90
N PRO A 345 -5.50 6.67 2.30
CA PRO A 345 -5.11 5.27 2.37
C PRO A 345 -4.94 4.66 0.98
N PRO A 346 -3.75 4.17 0.58
CA PRO A 346 -3.65 3.55 -0.73
C PRO A 346 -4.55 2.33 -0.85
N ALA A 347 -4.70 1.57 0.19
CA ALA A 347 -5.57 0.37 0.25
C ALA A 347 -6.80 0.77 1.05
N TRP A 348 -7.89 1.10 0.40
CA TRP A 348 -9.03 1.73 1.08
C TRP A 348 -9.75 0.76 2.02
N GLY A 349 -9.59 -0.54 1.92
CA GLY A 349 -10.31 -1.40 2.85
C GLY A 349 -10.23 -2.83 2.41
N THR A 350 -11.25 -3.59 2.79
CA THR A 350 -11.23 -5.03 2.69
C THR A 350 -12.68 -5.54 2.63
N PHE A 351 -12.81 -6.83 2.32
CA PHE A 351 -14.12 -7.52 2.34
C PHE A 351 -14.05 -8.76 3.20
N ARG A 352 -15.13 -9.01 3.93
CA ARG A 352 -15.35 -10.28 4.59
C ARG A 352 -16.63 -10.91 4.02
N LEU A 353 -16.64 -12.24 4.01
CA LEU A 353 -17.85 -12.99 3.61
C LEU A 353 -18.75 -13.20 4.84
N LEU A 354 -19.94 -12.69 4.78
CA LEU A 354 -20.98 -12.98 5.77
C LEU A 354 -21.62 -14.28 5.33
N GLU A 355 -21.45 -15.33 6.12
CA GLU A 355 -21.95 -16.66 5.70
C GLU A 355 -23.43 -16.77 6.04
N GLU A 356 -23.86 -16.35 7.22
CA GLU A 356 -25.26 -16.55 7.63
C GLU A 356 -25.95 -15.21 7.72
N GLU A 357 -27.25 -15.17 7.54
CA GLU A 357 -28.05 -13.96 7.78
C GLU A 357 -27.77 -13.43 9.17
N THR A 358 -27.50 -12.15 9.23
CA THR A 358 -27.05 -11.51 10.49
C THR A 358 -27.64 -10.10 10.57
N LEU A 359 -28.00 -9.66 11.76
CA LEU A 359 -28.44 -8.26 12.01
C LEU A 359 -27.18 -7.42 12.26
N ILE A 360 -26.97 -6.42 11.43
CA ILE A 360 -25.79 -5.50 11.50
C ILE A 360 -26.34 -4.12 11.70
N ASP A 361 -26.13 -3.54 12.90
CA ASP A 361 -26.61 -2.16 13.20
C ASP A 361 -28.06 -1.97 12.81
N GLY A 362 -28.91 -2.95 13.12
CA GLY A 362 -30.36 -2.77 12.96
C GLY A 362 -30.83 -3.17 11.57
N VAL A 363 -29.92 -3.69 10.74
CA VAL A 363 -30.25 -4.02 9.32
C VAL A 363 -30.06 -5.51 9.15
N ARG A 364 -31.04 -6.16 8.53
CA ARG A 364 -31.00 -7.60 8.22
C ARG A 364 -30.15 -7.80 6.96
N VAL A 365 -29.00 -8.44 7.14
CA VAL A 365 -28.11 -8.69 5.98
C VAL A 365 -28.18 -10.17 5.63
N PRO A 366 -28.61 -10.48 4.39
CA PRO A 366 -28.70 -11.88 3.95
C PRO A 366 -27.39 -12.67 4.06
N GLY A 367 -27.47 -13.98 4.27
CA GLY A 367 -26.27 -14.81 4.19
C GLY A 367 -25.64 -14.81 2.80
N ASN A 368 -24.34 -15.04 2.77
CA ASN A 368 -23.50 -15.02 1.55
C ASN A 368 -23.56 -13.64 0.93
N THR A 369 -23.05 -12.67 1.69
CA THR A 369 -22.98 -11.27 1.25
C THR A 369 -21.56 -10.77 1.50
N PRO A 370 -20.94 -10.07 0.54
CA PRO A 370 -19.67 -9.41 0.83
C PRO A 370 -19.89 -8.15 1.68
N LEU A 371 -19.21 -8.10 2.81
CA LEU A 371 -19.22 -6.90 3.66
C LEU A 371 -17.98 -6.07 3.35
N LEU A 372 -18.21 -4.83 2.95
CA LEU A 372 -17.11 -3.89 2.59
C LEU A 372 -16.79 -3.02 3.79
N PHE A 373 -15.53 -3.01 4.16
CA PHE A 373 -15.01 -2.15 5.25
C PHE A 373 -14.10 -1.12 4.58
N SER A 374 -14.25 0.15 4.91
CA SER A 374 -13.48 1.23 4.24
C SER A 374 -12.90 2.21 5.25
N THR A 375 -11.57 2.19 5.37
CA THR A 375 -10.85 3.21 6.19
C THR A 375 -10.89 4.57 5.48
N TYR A 376 -11.02 4.57 4.16
CA TYR A 376 -11.19 5.84 3.39
C TYR A 376 -12.49 6.53 3.82
N VAL A 377 -13.59 5.79 3.82
CA VAL A 377 -14.92 6.38 4.14
C VAL A 377 -14.93 6.79 5.61
N MET A 378 -14.52 5.89 6.53
CA MET A 378 -14.63 6.24 7.97
C MET A 378 -13.71 7.43 8.26
N GLY A 379 -12.57 7.53 7.58
CA GLY A 379 -11.63 8.64 7.85
C GLY A 379 -12.23 9.97 7.50
N ARG A 380 -13.18 10.04 6.59
CA ARG A 380 -13.76 11.32 6.07
C ARG A 380 -15.14 11.61 6.69
N MET A 381 -15.59 10.80 7.64
CA MET A 381 -16.90 10.99 8.32
C MET A 381 -16.69 11.83 9.58
N ASP A 382 -17.43 12.94 9.69
CA ASP A 382 -17.37 13.79 10.92
CA ASP A 382 -17.47 13.81 10.90
C ASP A 382 -17.90 13.04 12.16
N THR A 383 -18.69 11.98 12.00
CA THR A 383 -19.13 11.10 13.11
C THR A 383 -17.88 10.60 13.81
N TYR A 384 -16.80 10.34 13.03
CA TYR A 384 -15.61 9.66 13.60
C TYR A 384 -14.39 10.57 13.73
N PHE A 385 -14.28 11.60 12.92
CA PHE A 385 -13.15 12.55 12.97
C PHE A 385 -13.71 13.96 12.88
N GLU A 386 -13.46 14.75 13.92
CA GLU A 386 -13.84 16.18 13.88
C GLU A 386 -13.11 16.88 12.72
N ASP A 387 -13.81 17.71 11.92
CA ASP A 387 -13.20 18.47 10.79
C ASP A 387 -12.40 17.53 9.92
N PRO A 388 -13.07 16.49 9.39
CA PRO A 388 -12.34 15.36 8.81
C PRO A 388 -11.43 15.77 7.66
N LEU A 389 -11.73 16.78 6.88
CA LEU A 389 -10.86 17.18 5.75
C LEU A 389 -9.64 18.01 6.18
N THR A 390 -9.52 18.38 7.43
CA THR A 390 -8.35 19.09 7.93
C THR A 390 -7.24 18.06 8.17
N PHE A 391 -6.05 18.35 7.64
CA PHE A 391 -4.83 17.56 7.89
C PHE A 391 -4.23 18.02 9.20
N ASN A 392 -4.33 17.22 10.24
CA ASN A 392 -3.91 17.62 11.61
C ASN A 392 -3.17 16.46 12.25
N PRO A 393 -1.84 16.43 12.13
CA PRO A 393 -1.04 15.39 12.79
C PRO A 393 -1.26 15.23 14.30
N ASP A 394 -1.84 16.26 14.92
CA ASP A 394 -2.00 16.19 16.38
C ASP A 394 -3.12 15.21 16.76
N ARG A 395 -3.96 14.77 15.82
CA ARG A 395 -4.91 13.64 16.08
C ARG A 395 -4.15 12.42 16.61
N PHE A 396 -2.87 12.23 16.26
CA PHE A 396 -2.09 11.04 16.61
C PHE A 396 -1.02 11.34 17.65
N GLY A 397 -1.20 12.47 18.33
CA GLY A 397 -0.26 12.87 19.40
C GLY A 397 -0.33 11.94 20.60
N PRO A 398 0.71 11.89 21.45
N PRO A 398 0.77 11.82 21.36
CA PRO A 398 0.61 11.15 22.69
CA PRO A 398 0.89 10.86 22.46
C PRO A 398 -0.44 11.82 23.60
C PRO A 398 -0.30 10.81 23.44
N GLY A 399 -1.19 10.95 24.31
N GLY A 399 -0.87 11.98 23.75
CA GLY A 399 -2.33 11.36 25.14
CA GLY A 399 -1.95 12.15 24.73
C GLY A 399 -3.53 11.81 24.33
C GLY A 399 -3.34 12.06 24.13
N ALA A 400 -3.46 11.84 23.00
N ALA A 400 -3.47 12.13 22.80
CA ALA A 400 -4.68 11.99 22.16
CA ALA A 400 -4.78 12.09 22.09
C ALA A 400 -5.42 10.66 22.23
C ALA A 400 -5.42 10.70 22.23
N PRO A 401 -6.77 10.65 22.32
CA PRO A 401 -7.48 9.38 22.32
C PRO A 401 -7.26 8.67 20.98
N LYS A 402 -6.85 7.40 21.01
CA LYS A 402 -6.58 6.59 19.81
C LYS A 402 -7.91 6.32 19.14
N PRO A 403 -7.97 6.42 17.78
CA PRO A 403 -9.13 5.97 17.03
C PRO A 403 -9.48 4.52 17.42
N ARG A 404 -10.74 4.30 17.72
CA ARG A 404 -11.23 2.96 18.15
C ARG A 404 -12.00 2.35 16.96
N PHE A 405 -11.30 1.60 16.09
CA PHE A 405 -11.95 0.85 14.97
C PHE A 405 -12.53 1.80 13.90
N THR A 406 -11.94 2.98 13.76
CA THR A 406 -12.32 4.02 12.76
C THR A 406 -11.20 4.28 11.79
N TYR A 407 -10.07 3.63 11.98
CA TYR A 407 -8.81 3.94 11.23
C TYR A 407 -8.04 2.65 11.06
N PHE A 408 -7.84 2.23 9.81
CA PHE A 408 -7.21 0.91 9.57
C PHE A 408 -6.56 0.88 8.19
N PRO A 409 -5.54 1.72 7.95
CA PRO A 409 -4.84 1.72 6.66
C PRO A 409 -4.01 0.49 6.34
N PHE A 410 -3.74 -0.37 7.33
CA PHE A 410 -3.10 -1.69 7.10
C PHE A 410 -4.11 -2.81 7.44
N SER A 411 -5.38 -2.48 7.55
CA SER A 411 -6.43 -3.38 8.04
C SER A 411 -6.14 -3.78 9.48
N LEU A 412 -6.90 -4.76 9.97
CA LEU A 412 -6.89 -5.16 11.38
C LEU A 412 -7.06 -6.68 11.42
N GLY A 413 -6.63 -7.27 12.51
CA GLY A 413 -6.88 -8.70 12.72
C GLY A 413 -5.95 -9.58 11.93
N HIS A 414 -6.35 -10.84 11.74
CA HIS A 414 -5.43 -11.86 11.22
C HIS A 414 -5.02 -11.56 9.78
N ARG A 415 -5.88 -10.87 9.02
CA ARG A 415 -5.53 -10.56 7.61
C ARG A 415 -4.97 -9.12 7.49
N SER A 416 -4.41 -8.56 8.55
CA SER A 416 -3.76 -7.26 8.43
C SER A 416 -2.48 -7.40 7.59
N CYS A 417 -1.97 -6.27 7.13
CA CYS A 417 -0.80 -6.24 6.25
C CYS A 417 0.43 -6.88 6.88
N ILE A 418 0.98 -7.88 6.24
CA ILE A 418 2.25 -8.51 6.74
C ILE A 418 3.40 -7.48 6.64
N GLY A 419 3.29 -6.56 5.70
CA GLY A 419 4.34 -5.59 5.37
C GLY A 419 4.24 -4.29 6.15
N GLN A 420 3.37 -4.19 7.16
CA GLN A 420 3.10 -2.89 7.80
C GLN A 420 4.38 -2.25 8.40
N GLN A 421 5.17 -3.01 9.14
CA GLN A 421 6.38 -2.44 9.79
C GLN A 421 7.45 -2.21 8.73
N PHE A 422 7.63 -3.11 7.76
CA PHE A 422 8.54 -2.89 6.62
C PHE A 422 8.21 -1.53 5.98
N ALA A 423 6.94 -1.31 5.66
CA ALA A 423 6.50 -0.06 5.00
C ALA A 423 6.76 1.12 5.90
N GLN A 424 6.37 1.03 7.15
CA GLN A 424 6.54 2.17 8.08
C GLN A 424 7.99 2.57 8.21
N MET A 425 8.87 1.61 8.27
CA MET A 425 10.32 1.88 8.34
C MET A 425 10.84 2.48 7.07
N GLU A 426 10.55 1.91 5.90
CA GLU A 426 11.09 2.40 4.62
C GLU A 426 10.57 3.82 4.35
N VAL A 427 9.30 4.05 4.65
CA VAL A 427 8.76 5.40 4.29
CA VAL A 427 8.71 5.39 4.33
C VAL A 427 9.33 6.45 5.25
N LYS A 428 9.56 6.09 6.52
CA LYS A 428 10.17 7.06 7.44
C LYS A 428 11.59 7.37 6.98
N VAL A 429 12.35 6.37 6.54
CA VAL A 429 13.72 6.62 6.09
C VAL A 429 13.70 7.56 4.88
N VAL A 430 12.85 7.26 3.89
CA VAL A 430 12.81 8.09 2.68
C VAL A 430 12.37 9.51 3.03
N MET A 431 11.29 9.64 3.81
CA MET A 431 10.81 10.99 4.14
C MET A 431 11.83 11.76 4.97
N ALA A 432 12.50 11.11 5.90
CA ALA A 432 13.46 11.84 6.79
C ALA A 432 14.61 12.34 5.94
N LYS A 433 15.07 11.60 4.94
CA LYS A 433 16.21 12.04 4.13
C LYS A 433 15.76 13.14 3.20
N LEU A 434 14.54 13.10 2.66
CA LEU A 434 14.03 14.21 1.82
C LEU A 434 13.97 15.50 2.68
N LEU A 435 13.37 15.39 3.84
CA LEU A 435 13.20 16.56 4.77
C LEU A 435 14.54 17.10 5.21
N GLN A 436 15.55 16.26 5.41
CA GLN A 436 16.88 16.75 5.86
C GLN A 436 17.47 17.67 4.80
N ARG A 437 17.30 17.33 3.52
CA ARG A 437 18.14 17.89 2.45
C ARG A 437 17.41 18.81 1.49
N LEU A 438 16.09 18.75 1.36
CA LEU A 438 15.42 19.44 0.24
C LEU A 438 14.16 20.16 0.67
N GLU A 439 13.86 21.24 -0.04
CA GLU A 439 12.57 21.97 0.00
CA GLU A 439 12.53 21.88 0.05
C GLU A 439 11.81 21.65 -1.28
N PHE A 440 10.53 21.34 -1.19
CA PHE A 440 9.68 21.02 -2.35
CA PHE A 440 9.73 21.02 -2.39
C PHE A 440 8.53 21.99 -2.47
N ARG A 441 8.27 22.48 -3.68
CA ARG A 441 7.09 23.33 -3.98
C ARG A 441 6.34 22.63 -5.11
N LEU A 442 5.05 22.42 -4.92
CA LEU A 442 4.21 21.79 -5.95
C LEU A 442 4.04 22.78 -7.11
N VAL A 443 4.22 22.31 -8.33
CA VAL A 443 4.11 23.18 -9.52
C VAL A 443 2.66 23.66 -9.55
N PRO A 444 2.39 24.96 -9.75
CA PRO A 444 1.00 25.40 -9.81
C PRO A 444 0.23 24.72 -10.93
N GLY A 445 -1.03 24.39 -10.62
CA GLY A 445 -1.83 23.60 -11.53
C GLY A 445 -1.92 22.13 -11.13
N GLN A 446 -0.93 21.66 -10.38
CA GLN A 446 -0.97 20.26 -9.94
C GLN A 446 -2.12 20.12 -8.98
N ARG A 447 -2.84 19.02 -9.17
CA ARG A 447 -4.05 18.73 -8.38
C ARG A 447 -3.80 17.82 -7.18
N PHE A 448 -4.73 17.84 -6.23
CA PHE A 448 -4.68 17.02 -4.99
C PHE A 448 -5.64 15.84 -5.15
N GLY A 449 -6.26 15.67 -6.31
CA GLY A 449 -7.25 14.61 -6.55
C GLY A 449 -6.64 13.23 -6.58
N LEU A 450 -7.52 12.23 -6.52
CA LEU A 450 -7.16 10.82 -6.46
C LEU A 450 -7.52 10.12 -7.77
N GLN A 451 -6.84 9.02 -8.00
CA GLN A 451 -7.29 8.03 -8.99
C GLN A 451 -7.26 6.68 -8.31
N GLU A 452 -7.98 5.71 -8.86
CA GLU A 452 -7.94 4.32 -8.34
C GLU A 452 -7.44 3.44 -9.47
N GLN A 453 -6.31 2.76 -9.29
N GLN A 453 -6.30 2.79 -9.25
CA GLN A 453 -5.89 1.68 -10.20
CA GLN A 453 -5.82 1.70 -10.12
C GLN A 453 -5.19 0.60 -9.39
C GLN A 453 -6.12 0.41 -9.36
N ALA A 454 -5.98 -0.37 -8.93
N ALA A 454 -5.10 -0.36 -8.93
CA ALA A 454 -5.60 -1.38 -7.92
CA ALA A 454 -5.35 -1.43 -7.93
C ALA A 454 -5.63 -0.72 -6.54
C ALA A 454 -5.48 -0.79 -6.55
N THR A 455 -4.93 0.42 -6.38
CA THR A 455 -4.87 1.19 -5.15
C THR A 455 -5.24 2.65 -5.44
N LEU A 456 -5.39 3.44 -4.40
CA LEU A 456 -5.60 4.90 -4.52
C LEU A 456 -4.23 5.56 -4.58
N LYS A 457 -4.13 6.51 -5.48
CA LYS A 457 -2.87 7.25 -5.66
C LYS A 457 -3.18 8.62 -6.22
N PRO A 458 -2.25 9.57 -6.18
CA PRO A 458 -2.53 10.88 -6.77
C PRO A 458 -2.85 10.74 -8.24
N LEU A 459 -3.88 11.52 -8.63
CA LEU A 459 -4.24 11.66 -10.07
C LEU A 459 -3.09 12.25 -10.90
N ASP A 460 -2.44 13.26 -10.36
CA ASP A 460 -1.35 13.97 -11.03
C ASP A 460 -0.01 13.37 -10.60
N PRO A 461 1.06 13.72 -11.33
CA PRO A 461 2.39 13.19 -11.06
C PRO A 461 3.12 13.78 -9.85
N VAL A 462 2.46 14.62 -9.08
CA VAL A 462 3.09 15.35 -7.95
C VAL A 462 4.35 16.04 -8.47
N LEU A 463 4.17 16.86 -9.51
CA LEU A 463 5.28 17.64 -10.13
C LEU A 463 5.71 18.72 -9.17
N CYS A 464 6.96 18.76 -8.76
CA CYS A 464 7.50 19.76 -7.81
C CYS A 464 8.73 20.41 -8.41
N THR A 465 9.01 21.61 -7.96
CA THR A 465 10.36 22.18 -8.06
C THR A 465 11.00 22.04 -6.68
N LEU A 466 12.33 22.02 -6.67
CA LEU A 466 13.09 21.68 -5.45
C LEU A 466 14.19 22.71 -5.25
N ARG A 467 14.57 22.93 -4.01
CA ARG A 467 15.74 23.74 -3.63
C ARG A 467 16.45 22.97 -2.53
N PRO A 468 17.79 23.10 -2.37
CA PRO A 468 18.46 22.55 -1.20
C PRO A 468 18.03 23.28 0.06
N ARG A 469 18.02 22.58 1.18
CA ARG A 469 17.86 23.33 2.45
C ARG A 469 19.08 24.25 2.71
#